data_7SFO
#
_entry.id   7SFO
#
_cell.length_a   56.089
_cell.length_b   83.286
_cell.length_c   58.486
_cell.angle_alpha   90.000
_cell.angle_beta   108.920
_cell.angle_gamma   90.000
#
_symmetry.space_group_name_H-M   'P 1 21 1'
#
loop_
_entity.id
_entity.type
_entity.pdbx_description
1 polymer 'Estrogen receptor'
2 polymer 'Nuclear receptor coactivator 2'
3 non-polymer 3-{[(2-chloro-5-phenylthieno[2,3-d]pyrimidin-4-yl)amino]methyl}phenol
4 water water
#
loop_
_entity_poly.entity_id
_entity_poly.type
_entity_poly.pdbx_seq_one_letter_code
_entity_poly.pdbx_strand_id
1 'polypeptide(L)'
;SLALSLTADQMVSALLDAEPPILYSEYDPTRPFSEASMMGLLTNLADRELVHMINWAKRVPGFVDLTLHDQVHLLECAWL
EILMIGLVWRSMEHPGKLLFAPNLLLDRNQGKCVEGMVEIFDMLLATSSRFRMMNLQGEEFVCLKSIILLNSGVYTFLSS
TLKSLEEKDHIHRVLDKITDTLIHLMAKAGLTLQQQHQRLAQLLLILSHIRHMSNKGMEHLYSMKCKNVVPLSDLLLEML
DAHRLHAPTS
;
A,B
2 'polypeptide(L)' HKILHRLLQD C,D
#
# COMPACT_ATOMS: atom_id res chain seq x y z
N LEU A 4 -7.46 -2.74 -24.95
CA LEU A 4 -8.08 -1.41 -24.93
C LEU A 4 -9.30 -1.34 -25.83
N SER A 5 -9.54 -2.39 -26.60
CA SER A 5 -10.72 -2.49 -27.43
C SER A 5 -11.75 -3.49 -26.92
N LEU A 6 -11.41 -4.26 -25.89
CA LEU A 6 -12.34 -5.21 -25.32
C LEU A 6 -13.49 -4.49 -24.62
N THR A 7 -14.69 -5.06 -24.71
CA THR A 7 -15.76 -4.57 -23.87
C THR A 7 -15.51 -4.99 -22.42
N ALA A 8 -16.30 -4.43 -21.50
CA ALA A 8 -16.17 -4.85 -20.11
C ALA A 8 -16.45 -6.34 -19.95
N ASP A 9 -17.53 -6.85 -20.56
CA ASP A 9 -17.80 -8.28 -20.46
C ASP A 9 -16.69 -9.10 -21.10
N GLN A 10 -16.10 -8.59 -22.19
CA GLN A 10 -14.99 -9.30 -22.82
C GLN A 10 -13.76 -9.30 -21.93
N MET A 11 -13.47 -8.18 -21.26
CA MET A 11 -12.42 -8.12 -20.26
C MET A 11 -12.62 -9.19 -19.19
N VAL A 12 -13.84 -9.26 -18.64
CA VAL A 12 -14.14 -10.20 -17.56
C VAL A 12 -13.98 -11.64 -18.02
N SER A 13 -14.48 -12.00 -19.20
CA SER A 13 -14.36 -13.39 -19.65
C SER A 13 -12.91 -13.75 -19.97
N ALA A 14 -12.14 -12.81 -20.53
CA ALA A 14 -10.72 -13.06 -20.75
C ALA A 14 -9.99 -13.36 -19.43
N LEU A 15 -10.24 -12.55 -18.40
CA LEU A 15 -9.56 -12.78 -17.13
C LEU A 15 -10.05 -14.08 -16.48
N LEU A 16 -11.36 -14.36 -16.55
CA LEU A 16 -11.85 -15.62 -16.00
C LEU A 16 -11.22 -16.82 -16.71
N ASP A 17 -11.07 -16.74 -18.04
CA ASP A 17 -10.51 -17.86 -18.79
C ASP A 17 -9.05 -18.12 -18.41
N ALA A 18 -8.31 -17.07 -18.05
CA ALA A 18 -6.89 -17.17 -17.76
C ALA A 18 -6.58 -17.64 -16.34
N GLU A 19 -7.59 -17.88 -15.51
CA GLU A 19 -7.38 -18.17 -14.11
C GLU A 19 -6.50 -19.41 -13.93
N PRO A 20 -5.46 -19.35 -13.10
CA PRO A 20 -4.60 -20.52 -12.90
C PRO A 20 -5.35 -21.61 -12.17
N PRO A 21 -4.89 -22.85 -12.25
CA PRO A 21 -5.51 -23.93 -11.47
C PRO A 21 -5.12 -23.84 -10.01
N ILE A 22 -5.87 -24.55 -9.19
CA ILE A 22 -5.53 -24.69 -7.78
C ILE A 22 -4.65 -25.93 -7.63
N LEU A 23 -3.48 -25.78 -7.01
CA LEU A 23 -2.49 -26.84 -6.89
C LEU A 23 -2.53 -27.49 -5.50
N TYR A 24 -2.02 -28.71 -5.44
CA TYR A 24 -1.94 -29.49 -4.20
C TYR A 24 -0.54 -29.36 -3.59
N SER A 25 -0.47 -29.52 -2.28
CA SER A 25 0.86 -29.64 -1.65
C SER A 25 1.23 -31.13 -1.53
N PHE A 33 3.66 -32.33 11.31
CA PHE A 33 4.31 -31.13 10.80
C PHE A 33 5.52 -30.75 11.66
N SER A 34 6.51 -30.13 11.03
CA SER A 34 7.61 -29.45 11.71
C SER A 34 7.68 -28.02 11.19
N GLU A 35 8.52 -27.21 11.84
CA GLU A 35 8.74 -25.85 11.36
C GLU A 35 9.41 -25.86 9.98
N ALA A 36 10.43 -26.69 9.82
CA ALA A 36 11.11 -26.78 8.53
C ALA A 36 10.20 -27.38 7.47
N SER A 37 9.46 -28.43 7.85
CA SER A 37 8.64 -29.13 6.87
C SER A 37 7.48 -28.27 6.38
N MET A 38 6.89 -27.47 7.26
CA MET A 38 5.74 -26.70 6.83
C MET A 38 6.14 -25.60 5.86
N MET A 39 7.24 -24.90 6.13
CA MET A 39 7.67 -23.91 5.15
C MET A 39 8.25 -24.56 3.91
N GLY A 40 8.78 -25.78 4.03
CA GLY A 40 9.04 -26.57 2.85
C GLY A 40 7.81 -26.69 1.98
N LEU A 41 6.68 -27.04 2.59
CA LEU A 41 5.44 -27.15 1.83
C LEU A 41 5.03 -25.81 1.22
N LEU A 42 5.06 -24.74 2.01
CA LEU A 42 4.61 -23.44 1.50
C LEU A 42 5.48 -22.97 0.34
N THR A 43 6.81 -23.08 0.49
CA THR A 43 7.71 -22.60 -0.55
C THR A 43 7.69 -23.51 -1.77
N ASN A 44 7.54 -24.82 -1.57
CA ASN A 44 7.35 -25.72 -2.71
C ASN A 44 6.07 -25.39 -3.46
N LEU A 45 4.98 -25.15 -2.73
CA LEU A 45 3.72 -24.72 -3.34
C LEU A 45 3.88 -23.40 -4.09
N ALA A 46 4.50 -22.42 -3.44
CA ALA A 46 4.64 -21.10 -4.06
C ALA A 46 5.44 -21.18 -5.35
N ASP A 47 6.48 -22.02 -5.37
CA ASP A 47 7.28 -22.19 -6.57
C ASP A 47 6.44 -22.75 -7.72
N ARG A 48 5.62 -23.76 -7.46
CA ARG A 48 4.79 -24.31 -8.53
C ARG A 48 3.72 -23.31 -8.99
N GLU A 49 3.18 -22.52 -8.07
CA GLU A 49 2.18 -21.54 -8.46
C GLU A 49 2.79 -20.44 -9.32
N LEU A 50 4.05 -20.07 -9.05
CA LEU A 50 4.68 -19.00 -9.82
C LEU A 50 4.74 -19.36 -11.30
N VAL A 51 5.07 -20.62 -11.63
CA VAL A 51 5.10 -21.01 -13.03
C VAL A 51 3.75 -20.75 -13.69
N HIS A 52 2.66 -21.12 -13.01
CA HIS A 52 1.34 -20.86 -13.57
C HIS A 52 1.03 -19.36 -13.62
N MET A 53 1.49 -18.60 -12.63
CA MET A 53 1.30 -17.14 -12.63
C MET A 53 1.86 -16.51 -13.88
N ILE A 54 3.02 -16.97 -14.34
CA ILE A 54 3.67 -16.37 -15.49
C ILE A 54 2.78 -16.52 -16.72
N ASN A 55 2.19 -17.71 -16.89
CA ASN A 55 1.26 -17.95 -17.99
C ASN A 55 0.02 -17.08 -17.87
N TRP A 56 -0.47 -16.91 -16.64
CA TRP A 56 -1.65 -16.08 -16.43
C TRP A 56 -1.35 -14.64 -16.78
N ALA A 57 -0.22 -14.11 -16.29
CA ALA A 57 0.12 -12.71 -16.57
C ALA A 57 0.13 -12.47 -18.06
N LYS A 58 0.61 -13.44 -18.83
CA LYS A 58 0.73 -13.26 -20.26
C LYS A 58 -0.66 -13.15 -20.90
N ARG A 59 -1.71 -13.58 -20.19
CA ARG A 59 -3.07 -13.51 -20.70
C ARG A 59 -3.87 -12.35 -20.11
N VAL A 60 -3.28 -11.56 -19.23
CA VAL A 60 -3.92 -10.33 -18.74
C VAL A 60 -3.85 -9.32 -19.89
N PRO A 61 -4.99 -8.82 -20.37
CA PRO A 61 -4.96 -7.98 -21.57
C PRO A 61 -4.04 -6.79 -21.36
N GLY A 62 -3.19 -6.53 -22.35
CA GLY A 62 -2.24 -5.44 -22.30
C GLY A 62 -0.85 -5.83 -21.83
N PHE A 63 -0.72 -6.92 -21.06
CA PHE A 63 0.58 -7.28 -20.49
C PHE A 63 1.60 -7.64 -21.58
N VAL A 64 1.19 -8.42 -22.58
CA VAL A 64 2.12 -8.76 -23.65
C VAL A 64 2.53 -7.55 -24.47
N ASP A 65 1.76 -6.46 -24.45
CA ASP A 65 2.17 -5.25 -25.15
C ASP A 65 3.40 -4.60 -24.52
N LEU A 66 3.76 -4.99 -23.29
CA LEU A 66 4.89 -4.38 -22.62
C LEU A 66 6.19 -5.06 -23.01
N THR A 67 7.31 -4.36 -22.81
CA THR A 67 8.59 -4.99 -23.09
C THR A 67 8.83 -6.12 -22.11
N LEU A 68 9.70 -7.05 -22.53
CA LEU A 68 10.09 -8.14 -21.65
C LEU A 68 10.65 -7.62 -20.33
N HIS A 69 11.53 -6.61 -20.38
CA HIS A 69 12.09 -6.03 -19.15
C HIS A 69 10.97 -5.54 -18.23
N ASP A 70 9.97 -4.87 -18.80
CA ASP A 70 8.90 -4.33 -17.96
C ASP A 70 8.04 -5.46 -17.38
N GLN A 71 7.76 -6.48 -18.19
CA GLN A 71 7.04 -7.67 -17.69
C GLN A 71 7.76 -8.31 -16.52
N VAL A 72 9.10 -8.44 -16.62
CA VAL A 72 9.88 -9.04 -15.53
C VAL A 72 9.77 -8.19 -14.28
N HIS A 73 9.97 -6.89 -14.42
CA HIS A 73 9.90 -5.99 -13.28
C HIS A 73 8.55 -6.07 -12.60
N LEU A 74 7.45 -6.08 -13.37
CA LEU A 74 6.12 -6.09 -12.75
C LEU A 74 5.87 -7.38 -11.98
N LEU A 75 6.27 -8.53 -12.55
CA LEU A 75 6.08 -9.80 -11.86
C LEU A 75 7.02 -9.94 -10.65
N GLU A 76 8.24 -9.43 -10.77
CA GLU A 76 9.17 -9.45 -9.63
C GLU A 76 8.61 -8.66 -8.45
N CYS A 77 7.94 -7.54 -8.71
N CYS A 77 7.90 -7.58 -8.72
CA CYS A 77 7.39 -6.73 -7.64
CA CYS A 77 7.43 -6.74 -7.62
C CYS A 77 6.13 -7.36 -7.06
C CYS A 77 6.08 -7.21 -7.09
N ALA A 78 5.27 -7.88 -7.91
CA ALA A 78 3.90 -8.24 -7.55
C ALA A 78 3.69 -9.70 -7.16
N TRP A 79 4.67 -10.60 -7.38
CA TRP A 79 4.34 -12.02 -7.36
C TRP A 79 3.77 -12.48 -6.02
N LEU A 80 4.34 -12.02 -4.90
CA LEU A 80 3.82 -12.47 -3.60
C LEU A 80 2.48 -11.83 -3.28
N GLU A 81 2.28 -10.56 -3.68
CA GLU A 81 0.94 -9.97 -3.56
C GLU A 81 -0.10 -10.82 -4.27
N ILE A 82 0.24 -11.29 -5.47
CA ILE A 82 -0.70 -12.09 -6.27
C ILE A 82 -0.95 -13.45 -5.63
N LEU A 83 0.12 -14.13 -5.15
CA LEU A 83 -0.06 -15.38 -4.42
C LEU A 83 -1.00 -15.16 -3.23
N MET A 84 -0.86 -14.02 -2.59
CA MET A 84 -1.49 -13.80 -1.31
C MET A 84 -2.97 -13.49 -1.52
N ILE A 85 -3.30 -12.69 -2.56
CA ILE A 85 -4.71 -12.43 -2.82
C ILE A 85 -5.40 -13.71 -3.31
N GLY A 86 -4.69 -14.54 -4.09
CA GLY A 86 -5.23 -15.84 -4.45
C GLY A 86 -5.52 -16.70 -3.23
N LEU A 87 -4.56 -16.78 -2.31
CA LEU A 87 -4.76 -17.54 -1.08
C LEU A 87 -5.97 -17.04 -0.30
N VAL A 88 -6.09 -15.72 -0.14
CA VAL A 88 -7.23 -15.13 0.56
C VAL A 88 -8.53 -15.52 -0.14
N TRP A 89 -8.55 -15.43 -1.47
CA TRP A 89 -9.75 -15.69 -2.26
C TRP A 89 -10.24 -17.12 -2.06
N ARG A 90 -9.34 -18.09 -2.13
CA ARG A 90 -9.78 -19.46 -1.96
C ARG A 90 -9.99 -19.83 -0.50
N SER A 91 -9.51 -19.02 0.46
CA SER A 91 -9.76 -19.26 1.87
C SER A 91 -11.04 -18.59 2.37
N MET A 92 -11.75 -17.93 1.48
CA MET A 92 -12.82 -17.02 1.87
C MET A 92 -13.98 -17.77 2.46
N GLU A 93 -14.32 -18.92 1.89
CA GLU A 93 -15.41 -19.74 2.39
C GLU A 93 -14.98 -20.62 3.55
N HIS A 94 -13.81 -20.39 4.13
CA HIS A 94 -13.31 -21.19 5.25
C HIS A 94 -12.95 -20.24 6.38
N PRO A 95 -13.96 -19.73 7.08
CA PRO A 95 -13.71 -18.71 8.11
C PRO A 95 -12.72 -19.22 9.14
N GLY A 96 -11.72 -18.39 9.44
CA GLY A 96 -10.70 -18.72 10.42
C GLY A 96 -9.62 -19.66 9.93
N LYS A 97 -9.59 -20.01 8.66
CA LYS A 97 -8.59 -20.90 8.12
C LYS A 97 -8.04 -20.35 6.81
N LEU A 98 -6.85 -20.81 6.45
CA LEU A 98 -6.26 -20.52 5.14
C LEU A 98 -6.14 -21.82 4.37
N LEU A 99 -6.76 -21.85 3.18
CA LEU A 99 -6.65 -23.00 2.28
C LEU A 99 -5.45 -22.75 1.37
N PHE A 100 -4.26 -23.11 1.89
CA PHE A 100 -3.08 -23.07 1.03
C PHE A 100 -3.22 -24.05 -0.12
N ALA A 101 -3.73 -25.25 0.15
CA ALA A 101 -4.07 -26.19 -0.90
C ALA A 101 -5.29 -26.97 -0.42
N PRO A 102 -6.04 -27.60 -1.33
CA PRO A 102 -7.19 -28.41 -0.88
C PRO A 102 -6.83 -29.39 0.21
N ASN A 103 -5.61 -29.94 0.16
CA ASN A 103 -5.13 -30.87 1.17
C ASN A 103 -4.21 -30.18 2.17
N LEU A 104 -4.29 -28.85 2.31
CA LEU A 104 -3.40 -28.12 3.17
C LEU A 104 -4.21 -26.94 3.71
N LEU A 105 -5.14 -27.25 4.59
CA LEU A 105 -6.03 -26.26 5.19
C LEU A 105 -5.60 -26.05 6.64
N LEU A 106 -5.18 -24.83 6.95
CA LEU A 106 -4.54 -24.55 8.23
C LEU A 106 -5.34 -23.53 9.04
N ASP A 107 -5.35 -23.71 10.36
CA ASP A 107 -5.80 -22.67 11.26
C ASP A 107 -4.60 -21.93 11.83
N ARG A 108 -4.87 -20.83 12.55
CA ARG A 108 -3.78 -19.96 12.96
C ARG A 108 -2.89 -20.63 13.99
N ASN A 109 -3.44 -21.57 14.77
CA ASN A 109 -2.61 -22.24 15.77
C ASN A 109 -1.50 -23.03 15.13
N GLN A 110 -1.71 -23.53 13.91
CA GLN A 110 -0.65 -24.24 13.21
C GLN A 110 0.45 -23.31 12.73
N GLY A 111 0.22 -22.01 12.67
CA GLY A 111 1.25 -21.06 12.29
C GLY A 111 2.20 -20.60 13.39
N MET A 117 5.40 -16.15 11.45
CA MET A 117 4.35 -16.56 10.54
C MET A 117 2.98 -16.10 10.99
N VAL A 118 2.66 -16.27 12.27
CA VAL A 118 1.30 -15.99 12.72
C VAL A 118 0.91 -14.55 12.45
N GLU A 119 1.86 -13.61 12.55
CA GLU A 119 1.55 -12.22 12.22
C GLU A 119 1.03 -12.10 10.79
N ILE A 120 1.71 -12.76 9.85
CA ILE A 120 1.22 -12.79 8.47
C ILE A 120 -0.09 -13.55 8.36
N PHE A 121 -0.16 -14.73 8.99
CA PHE A 121 -1.37 -15.54 9.00
C PHE A 121 -2.59 -14.71 9.39
N ASP A 122 -2.51 -13.98 10.51
CA ASP A 122 -3.60 -13.14 10.98
C ASP A 122 -3.98 -12.07 9.97
N MET A 123 -2.99 -11.50 9.26
CA MET A 123 -3.32 -10.47 8.28
C MET A 123 -4.09 -11.07 7.11
N LEU A 124 -3.68 -12.26 6.66
CA LEU A 124 -4.38 -12.94 5.58
C LEU A 124 -5.80 -13.28 6.00
N LEU A 125 -5.97 -13.81 7.22
CA LEU A 125 -7.30 -14.13 7.74
C LEU A 125 -8.20 -12.90 7.78
N ALA A 126 -7.66 -11.77 8.25
CA ALA A 126 -8.48 -10.56 8.31
C ALA A 126 -8.87 -10.09 6.92
N THR A 127 -8.01 -10.33 5.92
CA THR A 127 -8.35 -9.96 4.55
C THR A 127 -9.46 -10.86 4.00
N SER A 128 -9.36 -12.17 4.30
CA SER A 128 -10.40 -13.11 3.93
C SER A 128 -11.74 -12.69 4.53
N SER A 129 -11.74 -12.32 5.81
CA SER A 129 -12.97 -11.90 6.47
C SER A 129 -13.51 -10.61 5.87
N ARG A 130 -12.63 -9.74 5.37
CA ARG A 130 -13.11 -8.53 4.71
C ARG A 130 -13.76 -8.85 3.37
N PHE A 131 -13.15 -9.75 2.60
CA PHE A 131 -13.76 -10.20 1.34
C PHE A 131 -15.12 -10.84 1.60
N ARG A 132 -15.21 -11.67 2.64
CA ARG A 132 -16.48 -12.30 3.01
C ARG A 132 -17.49 -11.23 3.42
N MET A 133 -17.07 -10.29 4.26
CA MET A 133 -17.92 -9.17 4.64
C MET A 133 -18.44 -8.41 3.41
N MET A 134 -17.60 -8.16 2.41
CA MET A 134 -18.16 -7.41 1.29
C MET A 134 -18.77 -8.33 0.23
N ASN A 135 -18.78 -9.65 0.46
CA ASN A 135 -19.21 -10.63 -0.54
C ASN A 135 -18.53 -10.42 -1.88
N LEU A 136 -17.19 -10.33 -1.86
CA LEU A 136 -16.40 -10.20 -3.07
C LEU A 136 -16.79 -11.26 -4.10
N GLN A 137 -16.95 -10.84 -5.35
CA GLN A 137 -17.36 -11.74 -6.41
C GLN A 137 -16.14 -12.18 -7.22
N GLY A 138 -16.27 -13.35 -7.84
CA GLY A 138 -15.16 -13.88 -8.63
C GLY A 138 -14.72 -12.93 -9.73
N GLU A 139 -15.68 -12.26 -10.39
CA GLU A 139 -15.36 -11.31 -11.45
C GLU A 139 -14.62 -10.10 -10.91
N GLU A 140 -14.96 -9.65 -9.70
CA GLU A 140 -14.23 -8.56 -9.07
C GLU A 140 -12.82 -9.00 -8.69
N PHE A 141 -12.71 -10.22 -8.15
CA PHE A 141 -11.43 -10.79 -7.76
C PHE A 141 -10.43 -10.79 -8.92
N VAL A 142 -10.84 -11.25 -10.11
CA VAL A 142 -9.85 -11.34 -11.18
C VAL A 142 -9.42 -9.93 -11.62
N CYS A 143 -10.33 -8.95 -11.58
CA CYS A 143 -9.94 -7.57 -11.86
C CYS A 143 -8.91 -7.09 -10.84
N LEU A 144 -9.12 -7.39 -9.55
CA LEU A 144 -8.24 -6.91 -8.51
C LEU A 144 -6.84 -7.50 -8.68
N LYS A 145 -6.78 -8.77 -9.09
CA LYS A 145 -5.49 -9.43 -9.27
C LYS A 145 -4.73 -8.84 -10.46
N SER A 146 -5.43 -8.49 -11.54
CA SER A 146 -4.78 -7.80 -12.65
C SER A 146 -4.30 -6.41 -12.26
N ILE A 147 -5.09 -5.67 -11.46
CA ILE A 147 -4.64 -4.36 -10.97
C ILE A 147 -3.34 -4.48 -10.20
N ILE A 148 -3.23 -5.47 -9.31
CA ILE A 148 -2.02 -5.66 -8.52
C ILE A 148 -0.82 -5.87 -9.43
N LEU A 149 -0.99 -6.71 -10.46
CA LEU A 149 0.08 -6.98 -11.41
C LEU A 149 0.55 -5.70 -12.11
N LEU A 150 -0.40 -4.89 -12.58
CA LEU A 150 -0.02 -3.70 -13.35
C LEU A 150 0.41 -2.54 -12.48
N ASN A 151 -0.12 -2.45 -11.26
CA ASN A 151 0.13 -1.29 -10.39
C ASN A 151 1.39 -1.43 -9.55
N SER A 152 1.78 -2.62 -9.14
CA SER A 152 2.66 -2.67 -7.98
C SER A 152 4.09 -2.23 -8.30
N GLY A 153 4.49 -2.24 -9.55
CA GLY A 153 5.81 -1.81 -9.91
C GLY A 153 5.82 -0.64 -10.88
N VAL A 154 4.65 -0.06 -11.15
CA VAL A 154 4.58 0.97 -12.20
C VAL A 154 5.29 2.27 -11.77
N TYR A 155 5.44 2.51 -10.46
CA TYR A 155 6.13 3.69 -9.94
C TYR A 155 7.62 3.47 -9.71
N THR A 156 8.11 2.24 -9.87
CA THR A 156 9.55 1.97 -9.73
C THR A 156 10.13 1.44 -11.05
N LEU A 165 8.18 6.70 -20.68
CA LEU A 165 6.98 7.51 -20.54
C LEU A 165 5.80 6.87 -21.26
N GLU A 166 6.04 6.47 -22.51
CA GLU A 166 4.99 5.84 -23.31
C GLU A 166 4.53 4.51 -22.71
N GLU A 167 5.45 3.76 -22.09
CA GLU A 167 5.08 2.48 -21.47
C GLU A 167 4.30 2.69 -20.18
N LYS A 168 4.58 3.77 -19.44
CA LYS A 168 3.79 4.06 -18.25
C LYS A 168 2.38 4.50 -18.61
N ASP A 169 2.23 5.24 -19.72
CA ASP A 169 0.90 5.64 -20.13
C ASP A 169 0.07 4.44 -20.56
N HIS A 170 0.72 3.46 -21.20
CA HIS A 170 -0.02 2.26 -21.60
C HIS A 170 -0.48 1.46 -20.38
N ILE A 171 0.38 1.33 -19.37
CA ILE A 171 -0.04 0.63 -18.16
C ILE A 171 -1.19 1.37 -17.50
N HIS A 172 -1.12 2.71 -17.47
CA HIS A 172 -2.19 3.48 -16.86
C HIS A 172 -3.47 3.45 -17.68
N ARG A 173 -3.37 3.35 -19.02
CA ARG A 173 -4.58 3.21 -19.83
C ARG A 173 -5.25 1.86 -19.60
N VAL A 174 -4.45 0.79 -19.48
CA VAL A 174 -5.00 -0.52 -19.14
C VAL A 174 -5.60 -0.50 -17.73
N LEU A 175 -4.88 0.10 -16.77
CA LEU A 175 -5.41 0.23 -15.42
C LEU A 175 -6.80 0.90 -15.41
N ASP A 176 -6.97 1.97 -16.20
CA ASP A 176 -8.27 2.66 -16.28
C ASP A 176 -9.35 1.74 -16.83
N LYS A 177 -8.98 0.91 -17.82
CA LYS A 177 -9.90 -0.06 -18.40
C LYS A 177 -10.40 -1.03 -17.35
N ILE A 178 -9.51 -1.51 -16.48
CA ILE A 178 -9.95 -2.46 -15.45
C ILE A 178 -10.83 -1.77 -14.43
N THR A 179 -10.53 -0.51 -14.11
CA THR A 179 -11.45 0.27 -13.27
C THR A 179 -12.82 0.35 -13.92
N ASP A 180 -12.88 0.75 -15.19
CA ASP A 180 -14.15 0.73 -15.91
C ASP A 180 -14.84 -0.61 -15.78
N THR A 181 -14.07 -1.71 -15.89
CA THR A 181 -14.65 -3.05 -15.82
C THR A 181 -15.21 -3.35 -14.44
N LEU A 182 -14.48 -2.95 -13.38
CA LEU A 182 -15.01 -3.08 -12.02
C LEU A 182 -16.32 -2.34 -11.87
N ILE A 183 -16.37 -1.10 -12.35
CA ILE A 183 -17.56 -0.27 -12.20
C ILE A 183 -18.72 -0.89 -12.98
N HIS A 184 -18.42 -1.39 -14.18
CA HIS A 184 -19.42 -2.09 -14.99
C HIS A 184 -20.03 -3.26 -14.22
N LEU A 185 -19.18 -4.06 -13.57
CA LEU A 185 -19.71 -5.18 -12.80
C LEU A 185 -20.64 -4.69 -11.69
N MET A 186 -20.28 -3.59 -11.02
CA MET A 186 -21.10 -3.14 -9.91
C MET A 186 -22.41 -2.55 -10.40
N ALA A 187 -22.36 -1.80 -11.50
CA ALA A 187 -23.59 -1.31 -12.10
C ALA A 187 -24.48 -2.47 -12.51
N LYS A 188 -23.89 -3.50 -13.10
CA LYS A 188 -24.68 -4.65 -13.54
C LYS A 188 -25.33 -5.35 -12.35
N ALA A 189 -24.67 -5.32 -11.18
CA ALA A 189 -25.21 -5.89 -9.97
C ALA A 189 -26.28 -5.03 -9.31
N GLY A 190 -26.64 -3.87 -9.88
CA GLY A 190 -27.70 -3.06 -9.33
C GLY A 190 -27.27 -1.94 -8.39
N LEU A 191 -25.98 -1.76 -8.16
CA LEU A 191 -25.51 -0.74 -7.22
C LEU A 191 -25.79 0.67 -7.75
N THR A 192 -26.16 1.57 -6.83
CA THR A 192 -26.28 2.96 -7.21
C THR A 192 -24.90 3.53 -7.51
N LEU A 193 -24.88 4.71 -8.15
CA LEU A 193 -23.61 5.39 -8.41
C LEU A 193 -22.81 5.58 -7.14
N GLN A 194 -23.46 6.07 -6.08
CA GLN A 194 -22.77 6.25 -4.81
C GLN A 194 -22.23 4.92 -4.27
N GLN A 195 -23.00 3.86 -4.39
CA GLN A 195 -22.54 2.56 -3.91
C GLN A 195 -21.41 2.03 -4.77
N GLN A 196 -21.44 2.30 -6.07
CA GLN A 196 -20.36 1.84 -6.95
C GLN A 196 -19.03 2.48 -6.54
N HIS A 197 -19.04 3.80 -6.35
CA HIS A 197 -17.82 4.50 -6.00
C HIS A 197 -17.29 4.05 -4.65
N GLN A 198 -18.19 3.87 -3.66
CA GLN A 198 -17.78 3.42 -2.33
C GLN A 198 -17.17 2.02 -2.38
N ARG A 199 -17.82 1.08 -3.09
CA ARG A 199 -17.30 -0.28 -3.15
C ARG A 199 -15.99 -0.33 -3.93
N LEU A 200 -15.87 0.46 -5.02
CA LEU A 200 -14.61 0.55 -5.73
C LEU A 200 -13.49 1.00 -4.78
N ALA A 201 -13.75 2.04 -3.98
CA ALA A 201 -12.73 2.51 -3.04
C ALA A 201 -12.41 1.45 -1.99
N GLN A 202 -13.44 0.78 -1.45
CA GLN A 202 -13.23 -0.28 -0.48
C GLN A 202 -12.31 -1.35 -1.03
N LEU A 203 -12.50 -1.77 -2.28
CA LEU A 203 -11.69 -2.83 -2.84
C LEU A 203 -10.25 -2.38 -3.04
N LEU A 204 -10.04 -1.16 -3.55
CA LEU A 204 -8.67 -0.71 -3.81
C LEU A 204 -7.90 -0.46 -2.51
N LEU A 205 -8.59 -0.12 -1.42
CA LEU A 205 -7.90 0.10 -0.15
C LEU A 205 -7.41 -1.22 0.43
N ILE A 206 -8.09 -2.33 0.11
CA ILE A 206 -7.59 -3.63 0.55
C ILE A 206 -6.26 -3.93 -0.11
N LEU A 207 -5.99 -3.36 -1.30
CA LEU A 207 -4.69 -3.55 -1.97
C LEU A 207 -3.53 -2.94 -1.19
N SER A 208 -3.76 -1.88 -0.41
CA SER A 208 -2.73 -1.41 0.51
C SER A 208 -2.38 -2.46 1.56
N HIS A 209 -3.39 -3.14 2.11
N HIS A 209 -3.39 -3.14 2.11
CA HIS A 209 -3.14 -4.20 3.08
CA HIS A 209 -3.14 -4.20 3.09
C HIS A 209 -2.42 -5.39 2.43
C HIS A 209 -2.43 -5.38 2.44
N ILE A 210 -2.76 -5.70 1.18
CA ILE A 210 -2.05 -6.77 0.47
C ILE A 210 -0.59 -6.39 0.23
N ARG A 211 -0.33 -5.14 -0.14
CA ARG A 211 1.06 -4.69 -0.27
C ARG A 211 1.80 -4.87 1.06
N HIS A 212 1.16 -4.48 2.17
CA HIS A 212 1.77 -4.63 3.49
C HIS A 212 2.11 -6.09 3.78
N MET A 213 1.19 -7.01 3.49
CA MET A 213 1.46 -8.42 3.80
C MET A 213 2.54 -9.01 2.91
N SER A 214 2.58 -8.58 1.65
CA SER A 214 3.66 -9.03 0.77
C SER A 214 5.01 -8.53 1.27
N ASN A 215 5.07 -7.25 1.69
CA ASN A 215 6.31 -6.75 2.29
C ASN A 215 6.75 -7.60 3.48
N LYS A 216 5.82 -7.92 4.39
CA LYS A 216 6.18 -8.77 5.53
C LYS A 216 6.61 -10.16 5.08
N GLY A 217 5.94 -10.71 4.06
CA GLY A 217 6.26 -12.05 3.60
C GLY A 217 7.62 -12.14 2.92
N MET A 218 7.97 -11.13 2.09
CA MET A 218 9.35 -11.02 1.59
C MET A 218 10.40 -11.03 2.68
N GLU A 219 10.20 -10.23 3.73
CA GLU A 219 11.16 -10.25 4.83
C GLU A 219 11.27 -11.64 5.45
N HIS A 220 10.14 -12.31 5.63
CA HIS A 220 10.17 -13.67 6.16
C HIS A 220 10.94 -14.60 5.23
N LEU A 221 10.64 -14.51 3.92
CA LEU A 221 11.35 -15.31 2.93
C LEU A 221 12.85 -15.03 2.99
N TYR A 222 13.23 -13.76 3.14
CA TYR A 222 14.65 -13.43 3.21
C TYR A 222 15.31 -14.07 4.42
N SER A 223 14.60 -14.11 5.57
CA SER A 223 15.19 -14.76 6.72
C SER A 223 15.33 -16.26 6.50
N MET A 224 14.38 -16.87 5.78
CA MET A 224 14.52 -18.29 5.49
C MET A 224 15.75 -18.56 4.63
N LYS A 225 16.05 -17.69 3.66
CA LYS A 225 17.19 -17.98 2.80
C LYS A 225 18.49 -17.82 3.58
N CYS A 226 18.50 -16.89 4.53
CA CYS A 226 19.67 -16.71 5.39
C CYS A 226 19.86 -17.91 6.31
N LYS A 227 18.78 -18.46 6.86
CA LYS A 227 18.91 -19.59 7.76
C LYS A 227 19.24 -20.89 7.03
N ASN A 228 19.10 -20.93 5.71
CA ASN A 228 19.48 -22.05 4.84
C ASN A 228 19.14 -23.41 5.45
N VAL A 229 17.89 -23.55 5.88
CA VAL A 229 17.32 -24.82 6.31
C VAL A 229 16.23 -25.28 5.36
N VAL A 230 15.28 -24.40 5.05
CA VAL A 230 14.21 -24.72 4.10
C VAL A 230 14.79 -24.66 2.68
N PRO A 231 14.52 -25.66 1.83
CA PRO A 231 15.00 -25.59 0.45
C PRO A 231 14.15 -24.60 -0.35
N LEU A 232 14.83 -23.67 -1.04
CA LEU A 232 14.18 -22.66 -1.86
C LEU A 232 14.62 -22.83 -3.31
N SER A 233 13.66 -22.84 -4.24
CA SER A 233 13.99 -23.07 -5.64
C SER A 233 14.81 -21.92 -6.21
N ASP A 234 15.56 -22.24 -7.27
CA ASP A 234 16.30 -21.20 -7.98
C ASP A 234 15.39 -20.04 -8.35
N LEU A 235 14.17 -20.34 -8.79
CA LEU A 235 13.25 -19.28 -9.19
C LEU A 235 12.89 -18.38 -7.99
N LEU A 236 12.51 -18.98 -6.85
CA LEU A 236 12.18 -18.13 -5.70
C LEU A 236 13.37 -17.33 -5.22
N LEU A 237 14.58 -17.91 -5.33
CA LEU A 237 15.77 -17.20 -4.86
C LEU A 237 16.01 -15.96 -5.71
N GLU A 238 15.76 -16.07 -7.02
CA GLU A 238 15.84 -14.91 -7.89
C GLU A 238 14.72 -13.90 -7.62
N MET A 239 13.52 -14.34 -7.25
CA MET A 239 12.49 -13.35 -6.87
C MET A 239 12.90 -12.55 -5.62
N LEU A 240 13.44 -13.20 -4.57
CA LEU A 240 14.01 -12.42 -3.47
C LEU A 240 15.06 -11.44 -3.93
N ASP A 241 16.01 -11.90 -4.75
CA ASP A 241 17.12 -11.06 -5.15
C ASP A 241 16.61 -9.76 -5.74
N ALA A 242 15.49 -9.83 -6.47
CA ALA A 242 14.93 -8.63 -7.08
C ALA A 242 14.41 -7.65 -6.04
N HIS A 243 13.97 -8.16 -4.89
CA HIS A 243 13.48 -7.29 -3.83
C HIS A 243 14.60 -6.78 -2.93
N ALA B 3 -20.04 13.67 12.10
CA ALA B 3 -19.00 12.86 11.38
C ALA B 3 -19.65 12.27 10.13
N LEU B 4 -20.62 11.37 10.35
CA LEU B 4 -21.40 10.79 9.25
C LEU B 4 -22.47 11.82 8.80
N SER B 5 -22.76 12.80 9.65
CA SER B 5 -23.70 13.92 9.38
C SER B 5 -23.03 15.13 8.70
N LEU B 6 -21.71 15.12 8.48
CA LEU B 6 -21.09 16.20 7.74
C LEU B 6 -21.42 16.10 6.26
N THR B 7 -21.63 17.25 5.63
CA THR B 7 -21.64 17.29 4.18
C THR B 7 -20.22 17.15 3.64
N ALA B 8 -20.13 17.01 2.32
CA ALA B 8 -18.81 16.95 1.69
C ALA B 8 -18.04 18.25 1.92
N ASP B 9 -18.70 19.39 1.69
CA ASP B 9 -18.00 20.67 1.88
C ASP B 9 -17.56 20.85 3.33
N GLN B 10 -18.39 20.45 4.29
CA GLN B 10 -17.97 20.50 5.68
C GLN B 10 -16.82 19.54 5.96
N MET B 11 -16.85 18.34 5.36
CA MET B 11 -15.73 17.42 5.46
C MET B 11 -14.42 18.09 5.03
N VAL B 12 -14.45 18.71 3.85
CA VAL B 12 -13.23 19.32 3.30
C VAL B 12 -12.76 20.47 4.18
N SER B 13 -13.69 21.35 4.59
N SER B 13 -13.69 21.34 4.59
CA SER B 13 -13.33 22.48 5.45
CA SER B 13 -13.35 22.48 5.44
C SER B 13 -12.67 22.01 6.73
C SER B 13 -12.69 22.01 6.74
N ALA B 14 -13.28 21.03 7.41
CA ALA B 14 -12.70 20.52 8.64
C ALA B 14 -11.29 19.98 8.41
N LEU B 15 -11.10 19.19 7.35
CA LEU B 15 -9.78 18.62 7.08
C LEU B 15 -8.76 19.71 6.76
N LEU B 16 -9.15 20.71 5.97
CA LEU B 16 -8.22 21.79 5.67
C LEU B 16 -7.82 22.55 6.93
N ASP B 17 -8.79 22.86 7.79
CA ASP B 17 -8.47 23.60 9.01
C ASP B 17 -7.63 22.79 9.99
N ALA B 18 -7.64 21.46 9.88
CA ALA B 18 -6.86 20.59 10.77
C ALA B 18 -5.41 20.41 10.34
N GLU B 19 -5.03 20.92 9.17
CA GLU B 19 -3.70 20.69 8.63
C GLU B 19 -2.63 21.11 9.63
N PRO B 20 -1.63 20.26 9.89
CA PRO B 20 -0.54 20.65 10.78
C PRO B 20 0.34 21.70 10.14
N PRO B 21 1.19 22.37 10.92
CA PRO B 21 2.11 23.36 10.34
C PRO B 21 3.31 22.68 9.70
N ILE B 22 4.02 23.42 8.84
CA ILE B 22 5.28 22.93 8.32
C ILE B 22 6.39 23.33 9.30
N LEU B 23 7.13 22.35 9.77
CA LEU B 23 8.14 22.58 10.79
C LEU B 23 9.53 22.74 10.16
N TYR B 24 10.43 23.35 10.91
CA TYR B 24 11.83 23.51 10.44
C TYR B 24 12.71 22.41 11.02
N SER B 25 13.76 22.05 10.31
CA SER B 25 14.69 21.06 10.90
C SER B 25 15.72 21.79 11.75
N GLU B 26 16.57 21.02 12.42
CA GLU B 26 17.69 21.55 13.24
C GLU B 26 18.96 21.65 12.37
N TYR B 27 18.82 21.69 11.05
CA TYR B 27 19.92 21.76 10.09
C TYR B 27 20.93 22.82 10.52
N ASP B 28 22.15 22.37 10.68
CA ASP B 28 23.29 23.23 11.02
C ASP B 28 24.16 23.44 9.78
N PRO B 29 24.07 24.59 9.11
CA PRO B 29 24.88 24.81 7.89
C PRO B 29 26.37 24.99 8.15
N THR B 30 26.82 25.06 9.41
CA THR B 30 28.24 25.31 9.65
C THR B 30 29.10 24.06 9.46
N ARG B 31 28.48 22.88 9.43
CA ARG B 31 29.23 21.64 9.38
C ARG B 31 28.75 20.78 8.23
N PRO B 32 29.62 19.97 7.63
CA PRO B 32 29.19 19.05 6.58
C PRO B 32 28.27 17.96 7.13
N PHE B 33 27.51 17.36 6.22
CA PHE B 33 26.67 16.22 6.58
C PHE B 33 27.51 14.98 6.81
N SER B 34 27.10 14.18 7.79
CA SER B 34 27.53 12.80 7.90
C SER B 34 26.29 11.91 7.83
N GLU B 35 26.50 10.59 7.74
CA GLU B 35 25.35 9.70 7.80
C GLU B 35 24.60 9.91 9.11
N ALA B 36 25.33 10.00 10.23
CA ALA B 36 24.66 10.20 11.52
C ALA B 36 23.96 11.56 11.60
N SER B 37 24.61 12.63 11.14
CA SER B 37 23.95 13.92 11.30
C SER B 37 22.77 14.06 10.36
N MET B 38 22.81 13.42 9.19
CA MET B 38 21.65 13.50 8.30
C MET B 38 20.46 12.71 8.86
N MET B 39 20.66 11.43 9.23
CA MET B 39 19.61 10.73 9.97
C MET B 39 19.19 11.44 11.25
N GLY B 40 20.11 12.09 11.96
CA GLY B 40 19.70 12.85 13.14
C GLY B 40 18.67 13.90 12.81
N LEU B 41 18.87 14.63 11.71
CA LEU B 41 17.92 15.65 11.29
C LEU B 41 16.56 15.04 11.00
N LEU B 42 16.54 13.94 10.23
CA LEU B 42 15.25 13.39 9.84
C LEU B 42 14.50 12.79 11.03
N THR B 43 15.20 12.10 11.95
CA THR B 43 14.49 11.54 13.10
C THR B 43 14.06 12.65 14.06
N ASN B 44 14.86 13.71 14.22
CA ASN B 44 14.42 14.83 15.05
C ASN B 44 13.18 15.50 14.47
N LEU B 45 13.16 15.73 13.16
CA LEU B 45 12.00 16.33 12.49
C LEU B 45 10.76 15.44 12.63
N ALA B 46 10.90 14.16 12.28
CA ALA B 46 9.77 13.24 12.38
C ALA B 46 9.19 13.26 13.79
N ASP B 47 10.07 13.26 14.79
CA ASP B 47 9.65 13.29 16.18
C ASP B 47 8.81 14.53 16.49
N ARG B 48 9.27 15.71 16.06
CA ARG B 48 8.47 16.91 16.32
C ARG B 48 7.18 16.91 15.51
N GLU B 49 7.22 16.37 14.29
CA GLU B 49 6.01 16.28 13.48
C GLU B 49 4.96 15.35 14.10
N LEU B 50 5.41 14.28 14.76
CA LEU B 50 4.45 13.35 15.37
C LEU B 50 3.54 14.03 16.36
N VAL B 51 4.08 14.95 17.17
CA VAL B 51 3.23 15.63 18.12
C VAL B 51 2.10 16.38 17.42
N HIS B 52 2.43 17.09 16.34
CA HIS B 52 1.38 17.78 15.59
C HIS B 52 0.46 16.79 14.87
N MET B 53 1.00 15.65 14.44
CA MET B 53 0.17 14.58 13.89
C MET B 53 -0.96 14.18 14.83
N ILE B 54 -0.62 13.98 16.10
CA ILE B 54 -1.62 13.56 17.07
C ILE B 54 -2.75 14.58 17.13
N ASN B 55 -2.40 15.89 17.23
CA ASN B 55 -3.43 16.93 17.24
C ASN B 55 -4.30 16.86 16.00
N TRP B 56 -3.67 16.66 14.85
CA TRP B 56 -4.41 16.54 13.59
C TRP B 56 -5.34 15.33 13.59
N ALA B 57 -4.83 14.17 14.02
CA ALA B 57 -5.66 12.97 13.99
C ALA B 57 -6.91 13.14 14.86
N LYS B 58 -6.78 13.83 16.00
CA LYS B 58 -7.96 14.10 16.82
C LYS B 58 -8.98 14.98 16.10
N ARG B 59 -8.56 15.69 15.06
CA ARG B 59 -9.48 16.53 14.30
C ARG B 59 -9.96 15.89 12.99
N VAL B 60 -9.53 14.68 12.69
CA VAL B 60 -10.10 13.90 11.58
C VAL B 60 -11.47 13.36 12.01
N PRO B 61 -12.55 13.68 11.31
CA PRO B 61 -13.88 13.29 11.78
C PRO B 61 -13.96 11.78 11.99
N GLY B 62 -14.61 11.36 13.08
CA GLY B 62 -14.72 9.97 13.43
C GLY B 62 -13.59 9.41 14.27
N PHE B 63 -12.42 10.06 14.28
CA PHE B 63 -11.27 9.50 15.01
C PHE B 63 -11.46 9.59 16.52
N VAL B 64 -11.97 10.70 17.04
CA VAL B 64 -12.14 10.81 18.49
C VAL B 64 -13.19 9.83 19.01
N ASP B 65 -14.06 9.31 18.13
CA ASP B 65 -15.08 8.37 18.58
C ASP B 65 -14.50 7.03 19.00
N LEU B 66 -13.27 6.74 18.59
CA LEU B 66 -12.63 5.47 18.84
C LEU B 66 -12.07 5.43 20.26
N THR B 67 -11.92 4.21 20.80
CA THR B 67 -11.23 4.06 22.07
C THR B 67 -9.76 4.48 21.94
N LEU B 68 -9.16 4.84 23.09
CA LEU B 68 -7.75 5.20 23.09
C LEU B 68 -6.87 4.10 22.48
N HIS B 69 -7.17 2.83 22.79
CA HIS B 69 -6.36 1.74 22.24
C HIS B 69 -6.46 1.69 20.71
N ASP B 70 -7.66 1.87 20.17
CA ASP B 70 -7.84 1.87 18.73
C ASP B 70 -7.15 3.07 18.09
N GLN B 71 -7.20 4.23 18.76
CA GLN B 71 -6.50 5.41 18.25
C GLN B 71 -5.00 5.17 18.19
N VAL B 72 -4.45 4.55 19.24
CA VAL B 72 -3.02 4.21 19.29
C VAL B 72 -2.66 3.30 18.12
N HIS B 73 -3.44 2.22 17.94
CA HIS B 73 -3.18 1.25 16.89
C HIS B 73 -3.15 1.91 15.51
N LEU B 74 -4.16 2.73 15.19
CA LEU B 74 -4.19 3.36 13.86
C LEU B 74 -2.97 4.25 13.63
N LEU B 75 -2.58 5.04 14.64
CA LEU B 75 -1.42 5.92 14.48
C LEU B 75 -0.14 5.12 14.41
N GLU B 76 -0.02 4.09 15.25
CA GLU B 76 1.14 3.21 15.18
C GLU B 76 1.29 2.61 13.80
N CYS B 77 0.17 2.30 13.15
N CYS B 77 0.18 2.26 13.15
CA CYS B 77 0.29 1.63 11.86
CA CYS B 77 0.32 1.63 11.83
C CYS B 77 0.58 2.64 10.76
C CYS B 77 0.61 2.67 10.74
N ALA B 78 -0.01 3.83 10.82
CA ALA B 78 0.00 4.77 9.70
C ALA B 78 1.02 5.91 9.79
N TRP B 79 1.70 6.11 10.93
CA TRP B 79 2.38 7.39 11.15
C TRP B 79 3.38 7.72 10.04
N LEU B 80 4.17 6.72 9.62
CA LEU B 80 5.22 6.98 8.62
C LEU B 80 4.62 7.17 7.23
N GLU B 81 3.56 6.42 6.88
CA GLU B 81 2.85 6.73 5.65
C GLU B 81 2.38 8.19 5.64
N ILE B 82 1.88 8.66 6.78
CA ILE B 82 1.36 10.03 6.88
C ILE B 82 2.48 11.06 6.75
N LEU B 83 3.61 10.82 7.43
CA LEU B 83 4.76 11.71 7.24
C LEU B 83 5.19 11.71 5.78
N MET B 84 5.25 10.54 5.15
CA MET B 84 5.66 10.48 3.76
C MET B 84 4.68 11.11 2.78
N ILE B 85 3.38 10.91 2.95
CA ILE B 85 2.51 11.56 1.99
C ILE B 85 2.57 13.07 2.18
N GLY B 86 2.77 13.53 3.43
CA GLY B 86 3.00 14.95 3.66
C GLY B 86 4.24 15.47 2.94
N LEU B 87 5.35 14.74 3.07
CA LEU B 87 6.60 15.11 2.41
C LEU B 87 6.44 15.21 0.90
N VAL B 88 5.86 14.17 0.31
CA VAL B 88 5.62 14.16 -1.14
C VAL B 88 4.78 15.37 -1.55
N TRP B 89 3.71 15.64 -0.79
CA TRP B 89 2.83 16.76 -1.08
C TRP B 89 3.59 18.08 -1.07
N ARG B 90 4.42 18.31 -0.05
CA ARG B 90 5.06 19.61 -0.03
C ARG B 90 6.30 19.67 -0.93
N SER B 91 6.73 18.55 -1.50
CA SER B 91 7.80 18.53 -2.49
C SER B 91 7.30 18.71 -3.91
N MET B 92 5.98 18.74 -4.10
CA MET B 92 5.36 18.72 -5.43
C MET B 92 5.90 19.80 -6.34
N GLU B 93 6.10 21.00 -5.80
CA GLU B 93 6.59 22.12 -6.59
C GLU B 93 8.11 22.26 -6.51
N HIS B 94 8.81 21.14 -6.31
CA HIS B 94 10.27 21.12 -6.33
C HIS B 94 10.72 19.86 -7.05
N PRO B 95 10.57 19.82 -8.38
CA PRO B 95 10.93 18.60 -9.12
C PRO B 95 12.38 18.21 -8.85
N GLY B 96 12.60 16.91 -8.61
CA GLY B 96 13.90 16.40 -8.30
C GLY B 96 14.36 16.59 -6.86
N LYS B 97 13.54 17.16 -5.98
CA LYS B 97 13.98 17.40 -4.63
C LYS B 97 12.91 16.99 -3.64
N LEU B 98 13.33 16.78 -2.39
CA LEU B 98 12.40 16.48 -1.30
C LEU B 98 12.54 17.60 -0.30
N LEU B 99 11.43 18.28 -0.04
CA LEU B 99 11.39 19.39 0.91
C LEU B 99 11.05 18.82 2.28
N PHE B 100 12.04 18.20 2.92
CA PHE B 100 11.83 17.69 4.28
C PHE B 100 11.39 18.82 5.20
N ALA B 101 12.01 19.98 5.02
CA ALA B 101 11.69 21.19 5.77
C ALA B 101 12.08 22.36 4.90
N PRO B 102 11.57 23.57 5.19
CA PRO B 102 11.99 24.73 4.38
C PRO B 102 13.48 24.92 4.35
N ASN B 103 14.18 24.60 5.43
CA ASN B 103 15.63 24.71 5.51
C ASN B 103 16.33 23.38 5.24
N LEU B 104 15.61 22.38 4.70
CA LEU B 104 16.20 21.07 4.43
C LEU B 104 15.58 20.53 3.15
N LEU B 105 16.05 21.06 2.02
CA LEU B 105 15.53 20.76 0.69
C LEU B 105 16.63 20.03 -0.06
N LEU B 106 16.48 18.72 -0.22
CA LEU B 106 17.57 17.84 -0.62
C LEU B 106 17.33 17.24 -2.00
N ASP B 107 18.41 16.99 -2.74
CA ASP B 107 18.31 16.18 -3.94
C ASP B 107 18.84 14.78 -3.64
N ARG B 108 18.72 13.88 -4.62
CA ARG B 108 19.06 12.48 -4.34
C ARG B 108 20.55 12.29 -4.07
N ASN B 109 21.39 13.17 -4.62
CA ASN B 109 22.83 13.05 -4.36
C ASN B 109 23.12 13.27 -2.88
N GLN B 110 22.33 14.10 -2.22
CA GLN B 110 22.51 14.31 -0.79
C GLN B 110 21.95 13.13 0.01
N GLY B 111 21.01 12.40 -0.56
CA GLY B 111 20.46 11.25 0.14
C GLY B 111 21.43 10.08 0.18
N LYS B 112 22.34 10.00 -0.79
CA LYS B 112 23.35 8.96 -0.83
C LYS B 112 24.24 8.98 0.39
N CYS B 113 24.21 10.06 1.17
CA CYS B 113 25.02 10.18 2.38
C CYS B 113 24.68 9.09 3.38
N VAL B 114 23.42 8.67 3.45
CA VAL B 114 22.92 7.66 4.38
C VAL B 114 22.78 6.34 3.64
N GLU B 115 23.37 5.28 4.18
CA GLU B 115 23.29 3.99 3.51
C GLU B 115 21.84 3.53 3.44
N GLY B 116 21.42 3.07 2.26
CA GLY B 116 20.06 2.64 2.06
C GLY B 116 19.03 3.73 1.87
N MET B 117 19.42 5.01 1.97
CA MET B 117 18.41 6.07 1.88
C MET B 117 17.99 6.39 0.45
N VAL B 118 18.94 6.40 -0.50
CA VAL B 118 18.58 6.89 -1.83
C VAL B 118 17.49 6.02 -2.46
N GLU B 119 17.44 4.73 -2.11
CA GLU B 119 16.39 3.87 -2.62
C GLU B 119 15.00 4.38 -2.22
N ILE B 120 14.85 4.81 -0.96
CA ILE B 120 13.57 5.38 -0.52
C ILE B 120 13.39 6.78 -1.09
N PHE B 121 14.47 7.57 -1.11
CA PHE B 121 14.44 8.89 -1.75
C PHE B 121 13.88 8.81 -3.18
N ASP B 122 14.32 7.83 -3.96
CA ASP B 122 13.88 7.73 -5.35
C ASP B 122 12.38 7.40 -5.46
N MET B 123 11.85 6.58 -4.57
CA MET B 123 10.40 6.30 -4.59
C MET B 123 9.59 7.54 -4.21
N LEU B 124 10.06 8.30 -3.24
CA LEU B 124 9.33 9.50 -2.82
C LEU B 124 9.32 10.52 -3.95
N LEU B 125 10.46 10.71 -4.60
CA LEU B 125 10.53 11.59 -5.77
C LEU B 125 9.58 11.13 -6.87
N ALA B 126 9.45 9.82 -7.07
CA ALA B 126 8.55 9.34 -8.10
C ALA B 126 7.09 9.57 -7.73
N THR B 127 6.75 9.40 -6.45
CA THR B 127 5.40 9.69 -6.01
C THR B 127 5.11 11.17 -6.17
N SER B 128 6.07 12.02 -5.83
CA SER B 128 5.86 13.46 -5.98
C SER B 128 5.63 13.81 -7.44
N SER B 129 6.41 13.22 -8.34
N SER B 129 6.40 13.21 -8.35
CA SER B 129 6.21 13.45 -9.77
CA SER B 129 6.19 13.46 -9.77
C SER B 129 4.84 12.96 -10.23
C SER B 129 4.82 12.97 -10.23
N ARG B 130 4.38 11.82 -9.70
CA ARG B 130 3.05 11.30 -10.03
C ARG B 130 1.95 12.29 -9.63
N PHE B 131 2.02 12.77 -8.38
CA PHE B 131 1.08 13.79 -7.91
C PHE B 131 1.11 15.03 -8.79
N ARG B 132 2.31 15.46 -9.21
CA ARG B 132 2.41 16.67 -10.03
C ARG B 132 1.75 16.47 -11.39
N MET B 133 1.98 15.32 -12.04
CA MET B 133 1.36 15.12 -13.33
C MET B 133 -0.14 14.87 -13.23
N MET B 134 -0.63 14.35 -12.11
CA MET B 134 -2.07 14.25 -11.94
C MET B 134 -2.70 15.56 -11.46
N ASN B 135 -1.88 16.57 -11.17
CA ASN B 135 -2.33 17.84 -10.61
C ASN B 135 -3.19 17.63 -9.35
N LEU B 136 -2.66 16.83 -8.44
CA LEU B 136 -3.30 16.63 -7.13
C LEU B 136 -3.63 17.96 -6.48
N GLN B 137 -4.88 18.10 -6.03
CA GLN B 137 -5.34 19.30 -5.34
C GLN B 137 -5.21 19.12 -3.83
N GLY B 138 -5.05 20.25 -3.12
CA GLY B 138 -4.94 20.19 -1.67
C GLY B 138 -6.13 19.53 -1.00
N GLU B 139 -7.33 19.76 -1.55
CA GLU B 139 -8.54 19.13 -1.02
C GLU B 139 -8.47 17.61 -1.17
N GLU B 140 -7.97 17.14 -2.31
CA GLU B 140 -7.81 15.70 -2.49
C GLU B 140 -6.73 15.16 -1.58
N PHE B 141 -5.64 15.90 -1.41
CA PHE B 141 -4.54 15.45 -0.57
C PHE B 141 -5.03 15.21 0.86
N VAL B 142 -5.80 16.15 1.43
CA VAL B 142 -6.19 15.97 2.82
C VAL B 142 -7.15 14.80 2.97
N CYS B 143 -7.97 14.53 1.95
CA CYS B 143 -8.82 13.33 2.00
C CYS B 143 -7.97 12.06 2.02
N LEU B 144 -6.95 12.00 1.14
CA LEU B 144 -6.09 10.82 1.06
C LEU B 144 -5.36 10.59 2.36
N LYS B 145 -4.89 11.68 2.99
CA LYS B 145 -4.13 11.53 4.22
C LYS B 145 -5.01 10.99 5.34
N SER B 146 -6.27 11.43 5.41
N SER B 146 -6.26 11.44 5.40
CA SER B 146 -7.18 10.89 6.41
CA SER B 146 -7.21 10.90 6.38
C SER B 146 -7.59 9.45 6.08
C SER B 146 -7.56 9.45 6.07
N ILE B 147 -7.66 9.09 4.80
CA ILE B 147 -7.95 7.69 4.45
C ILE B 147 -6.83 6.78 4.98
N ILE B 148 -5.58 7.21 4.82
CA ILE B 148 -4.44 6.45 5.35
C ILE B 148 -4.58 6.23 6.86
N LEU B 149 -4.89 7.31 7.59
CA LEU B 149 -5.02 7.20 9.05
C LEU B 149 -6.06 6.15 9.42
N LEU B 150 -7.22 6.19 8.75
CA LEU B 150 -8.31 5.30 9.13
C LEU B 150 -8.17 3.90 8.55
N ASN B 151 -7.55 3.77 7.36
CA ASN B 151 -7.53 2.48 6.66
C ASN B 151 -6.34 1.58 7.03
N SER B 152 -5.14 2.15 7.23
CA SER B 152 -3.94 1.30 7.24
C SER B 152 -3.98 0.27 8.37
N GLY B 153 -4.46 0.67 9.53
CA GLY B 153 -4.56 -0.24 10.65
C GLY B 153 -5.92 -0.88 10.81
N VAL B 154 -6.85 -0.69 9.88
CA VAL B 154 -8.25 -1.06 10.16
C VAL B 154 -8.41 -2.58 10.16
N TYR B 155 -7.78 -3.28 9.21
CA TYR B 155 -7.94 -4.72 9.11
C TYR B 155 -7.17 -5.46 10.20
N THR B 156 -6.43 -4.73 11.03
CA THR B 156 -5.73 -5.33 12.15
C THR B 156 -6.13 -4.56 13.40
N ASP B 169 -17.13 -1.31 11.65
CA ASP B 169 -18.22 -0.79 10.82
C ASP B 169 -18.23 0.73 10.84
N HIS B 170 -17.97 1.30 12.02
CA HIS B 170 -17.91 2.75 12.14
C HIS B 170 -16.80 3.34 11.28
N ILE B 171 -15.59 2.76 11.35
CA ILE B 171 -14.48 3.28 10.55
C ILE B 171 -14.81 3.19 9.07
N HIS B 172 -15.44 2.09 8.67
CA HIS B 172 -15.77 1.92 7.26
C HIS B 172 -16.84 2.88 6.80
N ARG B 173 -17.82 3.22 7.67
CA ARG B 173 -18.79 4.24 7.30
C ARG B 173 -18.12 5.61 7.13
N VAL B 174 -17.11 5.91 7.96
CA VAL B 174 -16.40 7.17 7.80
C VAL B 174 -15.56 7.15 6.53
N LEU B 175 -14.88 6.05 6.25
CA LEU B 175 -14.13 5.92 5.01
C LEU B 175 -15.03 6.12 3.79
N ASP B 176 -16.26 5.59 3.83
CA ASP B 176 -17.21 5.78 2.72
C ASP B 176 -17.55 7.26 2.52
N LYS B 177 -17.79 7.98 3.62
CA LYS B 177 -18.00 9.41 3.58
C LYS B 177 -16.82 10.13 2.90
N ILE B 178 -15.59 9.71 3.19
CA ILE B 178 -14.45 10.36 2.54
C ILE B 178 -14.44 10.04 1.04
N THR B 179 -14.80 8.81 0.66
CA THR B 179 -14.94 8.50 -0.76
C THR B 179 -15.97 9.41 -1.42
N ASP B 180 -17.14 9.54 -0.79
CA ASP B 180 -18.15 10.49 -1.27
C ASP B 180 -17.57 11.88 -1.46
N THR B 181 -16.76 12.32 -0.50
CA THR B 181 -16.17 13.66 -0.58
C THR B 181 -15.20 13.77 -1.76
N LEU B 182 -14.38 12.74 -1.99
CA LEU B 182 -13.48 12.78 -3.14
C LEU B 182 -14.25 12.89 -4.44
N ILE B 183 -15.33 12.10 -4.59
CA ILE B 183 -16.12 12.17 -5.82
C ILE B 183 -16.75 13.55 -5.98
N HIS B 184 -17.28 14.09 -4.89
CA HIS B 184 -17.88 15.43 -4.91
C HIS B 184 -16.87 16.47 -5.38
N LEU B 185 -15.65 16.45 -4.84
CA LEU B 185 -14.60 17.34 -5.30
C LEU B 185 -14.38 17.19 -6.80
N MET B 186 -14.33 15.95 -7.29
CA MET B 186 -13.99 15.72 -8.69
C MET B 186 -15.09 16.21 -9.61
N ALA B 187 -16.35 15.91 -9.27
CA ALA B 187 -17.48 16.42 -10.04
C ALA B 187 -17.51 17.94 -10.02
N LYS B 188 -17.29 18.54 -8.84
CA LYS B 188 -17.24 19.99 -8.73
C LYS B 188 -16.17 20.59 -9.63
N ALA B 189 -15.08 19.87 -9.86
CA ALA B 189 -14.04 20.34 -10.78
C ALA B 189 -14.34 20.08 -12.24
N GLY B 190 -15.47 19.45 -12.57
CA GLY B 190 -15.87 19.28 -13.95
C GLY B 190 -15.45 17.96 -14.58
N LEU B 191 -14.96 17.01 -13.80
CA LEU B 191 -14.66 15.70 -14.35
C LEU B 191 -15.95 14.99 -14.74
N THR B 192 -15.93 14.34 -15.89
CA THR B 192 -17.03 13.45 -16.26
C THR B 192 -17.18 12.30 -15.27
N LEU B 193 -18.34 11.65 -15.34
CA LEU B 193 -18.64 10.53 -14.46
C LEU B 193 -17.60 9.43 -14.59
N GLN B 194 -17.20 9.09 -15.82
CA GLN B 194 -16.15 8.09 -16.02
C GLN B 194 -14.79 8.58 -15.49
N GLN B 195 -14.48 9.84 -15.73
CA GLN B 195 -13.23 10.41 -15.21
C GLN B 195 -13.20 10.41 -13.71
N GLN B 196 -14.37 10.52 -13.07
CA GLN B 196 -14.41 10.50 -11.61
C GLN B 196 -13.96 9.16 -11.06
N HIS B 197 -14.52 8.06 -11.55
CA HIS B 197 -14.11 6.78 -10.97
C HIS B 197 -12.69 6.41 -11.38
N GLN B 198 -12.25 6.86 -12.56
CA GLN B 198 -10.87 6.59 -12.96
C GLN B 198 -9.87 7.31 -12.07
N ARG B 199 -10.12 8.58 -11.78
CA ARG B 199 -9.19 9.32 -10.93
C ARG B 199 -9.27 8.85 -9.48
N LEU B 200 -10.47 8.49 -8.99
CA LEU B 200 -10.54 7.88 -7.66
C LEU B 200 -9.63 6.65 -7.59
N ALA B 201 -9.73 5.75 -8.56
CA ALA B 201 -8.87 4.57 -8.56
C ALA B 201 -7.39 4.94 -8.64
N GLN B 202 -7.03 5.91 -9.50
CA GLN B 202 -5.62 6.27 -9.65
C GLN B 202 -5.06 6.78 -8.32
N LEU B 203 -5.84 7.63 -7.62
CA LEU B 203 -5.41 8.14 -6.32
C LEU B 203 -5.28 7.02 -5.29
N LEU B 204 -6.28 6.14 -5.21
CA LEU B 204 -6.23 5.11 -4.17
C LEU B 204 -5.12 4.11 -4.43
N LEU B 205 -4.80 3.84 -5.70
CA LEU B 205 -3.69 2.95 -6.00
C LEU B 205 -2.35 3.54 -5.58
N ILE B 206 -2.22 4.87 -5.54
CA ILE B 206 -0.96 5.44 -5.00
C ILE B 206 -0.76 5.11 -3.52
N LEU B 207 -1.85 4.89 -2.79
CA LEU B 207 -1.75 4.54 -1.38
C LEU B 207 -1.04 3.20 -1.17
N SER B 208 -1.11 2.30 -2.16
N SER B 208 -1.15 2.29 -2.14
CA SER B 208 -0.36 1.06 -2.05
CA SER B 208 -0.40 1.05 -2.07
C SER B 208 1.14 1.30 -2.20
C SER B 208 1.11 1.31 -2.13
N HIS B 209 1.53 2.28 -3.03
N HIS B 209 1.52 2.24 -3.00
CA HIS B 209 2.94 2.66 -3.11
CA HIS B 209 2.93 2.62 -3.08
C HIS B 209 3.40 3.32 -1.82
C HIS B 209 3.40 3.32 -1.82
N ILE B 210 2.54 4.14 -1.21
CA ILE B 210 2.90 4.83 0.03
C ILE B 210 3.09 3.81 1.17
N ARG B 211 2.19 2.82 1.27
CA ARG B 211 2.44 1.67 2.16
C ARG B 211 3.81 1.06 1.94
N HIS B 212 4.15 0.82 0.68
CA HIS B 212 5.41 0.17 0.34
C HIS B 212 6.59 1.02 0.85
N MET B 213 6.55 2.31 0.57
CA MET B 213 7.63 3.21 1.00
C MET B 213 7.71 3.31 2.52
N SER B 214 6.55 3.34 3.20
CA SER B 214 6.57 3.32 4.66
C SER B 214 7.26 2.07 5.19
N ASN B 215 6.96 0.88 4.62
CA ASN B 215 7.56 -0.37 5.10
C ASN B 215 9.08 -0.36 4.89
N LYS B 216 9.53 0.18 3.75
CA LYS B 216 10.98 0.33 3.52
C LYS B 216 11.63 1.30 4.50
N GLY B 217 10.97 2.45 4.76
CA GLY B 217 11.49 3.39 5.74
C GLY B 217 11.49 2.86 7.14
N MET B 218 10.50 2.03 7.49
CA MET B 218 10.50 1.45 8.83
C MET B 218 11.64 0.46 8.98
N GLU B 219 11.88 -0.37 7.95
CA GLU B 219 13.05 -1.26 7.99
C GLU B 219 14.34 -0.46 8.03
N HIS B 220 14.38 0.68 7.33
CA HIS B 220 15.58 1.51 7.34
C HIS B 220 15.81 2.11 8.73
N LEU B 221 14.76 2.65 9.33
CA LEU B 221 14.86 3.19 10.69
C LEU B 221 15.30 2.12 11.68
N TYR B 222 14.78 0.91 11.52
CA TYR B 222 15.19 -0.17 12.41
C TYR B 222 16.69 -0.45 12.27
N SER B 223 17.22 -0.42 11.06
CA SER B 223 18.64 -0.71 10.89
C SER B 223 19.49 0.43 11.44
N MET B 224 18.99 1.66 11.39
CA MET B 224 19.71 2.78 11.98
C MET B 224 19.80 2.62 13.49
N LYS B 225 18.69 2.25 14.13
CA LYS B 225 18.69 1.95 15.56
C LYS B 225 19.66 0.83 15.88
N CYS B 226 19.61 -0.26 15.13
CA CYS B 226 20.33 -1.48 15.49
C CYS B 226 21.83 -1.37 15.24
N LYS B 227 22.25 -0.39 14.45
CA LYS B 227 23.67 -0.10 14.26
C LYS B 227 24.11 1.13 15.06
N ASN B 228 23.27 1.63 15.98
CA ASN B 228 23.64 2.78 16.81
C ASN B 228 24.09 3.97 15.97
N VAL B 229 23.40 4.22 14.86
CA VAL B 229 23.75 5.37 14.03
C VAL B 229 23.26 6.67 14.67
N VAL B 230 22.03 6.66 15.17
CA VAL B 230 21.43 7.84 15.81
C VAL B 230 20.57 7.38 16.97
N PRO B 231 20.47 8.20 18.01
CA PRO B 231 19.58 7.87 19.12
C PRO B 231 18.16 8.26 18.74
N LEU B 232 17.23 7.37 18.99
CA LEU B 232 15.83 7.64 18.73
C LEU B 232 15.15 8.06 20.02
N SER B 233 14.22 9.01 19.91
CA SER B 233 13.41 9.43 21.03
C SER B 233 12.61 8.24 21.58
N ASP B 234 12.15 8.38 22.83
CA ASP B 234 11.27 7.35 23.39
C ASP B 234 10.05 7.13 22.52
N LEU B 235 9.45 8.21 22.01
CA LEU B 235 8.26 8.05 21.18
C LEU B 235 8.60 7.27 19.91
N LEU B 236 9.63 7.71 19.18
CA LEU B 236 10.05 7.04 17.93
C LEU B 236 10.36 5.57 18.23
N LEU B 237 11.02 5.30 19.35
CA LEU B 237 11.32 3.90 19.69
C LEU B 237 10.04 3.08 19.83
N GLU B 238 9.03 3.62 20.53
CA GLU B 238 7.78 2.88 20.67
C GLU B 238 7.04 2.75 19.35
N MET B 239 7.12 3.76 18.49
CA MET B 239 6.45 3.67 17.19
C MET B 239 7.11 2.58 16.35
N LEU B 240 8.44 2.57 16.33
CA LEU B 240 9.17 1.54 15.62
C LEU B 240 8.81 0.17 16.15
N ASP B 241 8.73 0.09 17.47
CA ASP B 241 8.56 -1.18 18.18
C ASP B 241 7.21 -1.79 17.87
N ALA B 242 6.19 -0.96 17.61
CA ALA B 242 4.88 -1.48 17.22
C ALA B 242 4.91 -2.18 15.87
N HIS B 243 5.92 -1.93 15.04
CA HIS B 243 6.04 -2.63 13.77
C HIS B 243 6.93 -3.86 13.86
N LYS C 2 17.78 -14.24 -16.51
CA LYS C 2 17.18 -14.80 -15.32
C LYS C 2 16.14 -15.85 -15.70
N ILE C 3 15.74 -16.67 -14.71
CA ILE C 3 14.73 -17.69 -14.94
C ILE C 3 13.40 -17.07 -15.37
N LEU C 4 13.02 -15.94 -14.77
CA LEU C 4 11.76 -15.30 -15.13
C LEU C 4 11.77 -14.84 -16.57
N HIS C 5 12.91 -14.32 -17.04
CA HIS C 5 13.11 -13.99 -18.46
C HIS C 5 12.78 -15.17 -19.37
N ARG C 6 13.46 -16.30 -19.15
CA ARG C 6 13.23 -17.47 -19.99
C ARG C 6 11.81 -18.02 -19.82
N LEU C 7 11.20 -17.83 -18.65
CA LEU C 7 9.85 -18.34 -18.45
C LEU C 7 8.85 -17.50 -19.22
N LEU C 8 9.04 -16.19 -19.24
CA LEU C 8 8.17 -15.30 -20.01
C LEU C 8 8.40 -15.47 -21.52
N HIS D 1 2.03 3.48 30.58
CA HIS D 1 1.43 3.30 29.25
C HIS D 1 2.32 3.82 28.13
N LYS D 2 1.91 3.56 26.90
CA LYS D 2 2.69 4.05 25.74
C LYS D 2 2.71 5.59 25.75
N ILE D 3 3.86 6.13 25.35
CA ILE D 3 3.96 7.58 25.16
C ILE D 3 2.77 8.07 24.33
N LEU D 4 2.46 7.36 23.25
CA LEU D 4 1.40 7.78 22.34
C LEU D 4 0.07 7.84 23.04
N HIS D 5 -0.19 6.86 23.93
CA HIS D 5 -1.43 6.84 24.70
C HIS D 5 -1.59 8.12 25.52
N ARG D 6 -0.51 8.57 26.16
CA ARG D 6 -0.56 9.79 26.97
C ARG D 6 -0.75 11.03 26.10
N LEU D 7 0.00 11.11 24.99
CA LEU D 7 -0.07 12.27 24.10
C LEU D 7 -1.47 12.44 23.51
N LEU D 8 -2.14 11.33 23.19
CA LEU D 8 -3.50 11.41 22.70
C LEU D 8 -4.45 12.04 23.71
N GLN D 9 -4.06 12.14 24.97
CA GLN D 9 -4.93 12.71 25.98
C GLN D 9 -4.66 14.18 26.29
N ASP D 10 -3.46 14.67 25.97
CA ASP D 10 -3.03 16.00 26.38
C ASP D 10 -3.20 17.06 25.27
#